data_5D1I
#
_entry.id   5D1I
#
_cell.length_a   56.096
_cell.length_b   82.911
_cell.length_c   103.918
_cell.angle_alpha   90.000
_cell.angle_beta   90.000
_cell.angle_gamma   90.000
#
_symmetry.space_group_name_H-M   'I 2 2 2'
#
loop_
_entity.id
_entity.type
_entity.pdbx_description
1 polymer 'Cyclic nucleotide-binding protein'
2 water water
#
_entity_poly.entity_id   1
_entity_poly.type   'polypeptide(L)'
_entity_poly.pdbx_seq_one_letter_code
;GPLGSPEF(MSE)ALDDDIRILGTVGLFESFTPEQLRLLAFGAERLVLRAGRELFREGQSADCAYIIVTGTITLFHEGDE
GRVTIRPVGPGAILGE(MSE)ALIAQTTRLTGAVADVETEVIRISRSIFRRILEEYPEV
;
_entity_poly.pdbx_strand_id   A,B
#
# COMPACT_ATOMS: atom_id res chain seq x y z
N ALA A 10 12.74 13.49 -6.19
CA ALA A 10 13.11 12.99 -7.50
C ALA A 10 12.03 12.09 -8.07
N LEU A 11 11.88 12.13 -9.39
CA LEU A 11 10.97 11.23 -10.11
C LEU A 11 11.28 9.77 -9.80
N ASP A 12 12.57 9.46 -9.72
CA ASP A 12 13.03 8.12 -9.39
C ASP A 12 12.57 7.69 -8.00
N ASP A 13 12.52 8.64 -7.08
CA ASP A 13 12.04 8.38 -5.74
C ASP A 13 10.53 8.13 -5.78
N ASP A 14 9.82 8.95 -6.56
CA ASP A 14 8.37 8.82 -6.72
C ASP A 14 7.99 7.43 -7.24
N ILE A 15 8.67 7.02 -8.30
CA ILE A 15 8.42 5.71 -8.89
C ILE A 15 8.62 4.59 -7.88
N ARG A 16 9.71 4.64 -7.12
CA ARG A 16 9.98 3.61 -6.12
C ARG A 16 8.88 3.57 -5.07
N ILE A 17 8.47 4.74 -4.60
CA ILE A 17 7.43 4.84 -3.57
C ILE A 17 6.10 4.29 -4.09
N LEU A 18 5.71 4.73 -5.28
CA LEU A 18 4.45 4.28 -5.88
C LEU A 18 4.44 2.78 -6.11
N GLY A 19 5.63 2.22 -6.35
CA GLY A 19 5.76 0.80 -6.62
C GLY A 19 5.55 -0.10 -5.41
N THR A 20 5.49 0.48 -4.22
CA THR A 20 5.24 -0.28 -3.01
C THR A 20 3.74 -0.37 -2.70
N VAL A 21 2.95 0.48 -3.36
CA VAL A 21 1.52 0.54 -3.12
C VAL A 21 0.83 -0.70 -3.66
N GLY A 22 -0.01 -1.33 -2.84
CA GLY A 22 -0.68 -2.57 -3.21
C GLY A 22 -1.42 -2.53 -4.53
N LEU A 23 -2.14 -1.44 -4.77
CA LEU A 23 -2.93 -1.31 -5.98
C LEU A 23 -2.05 -1.17 -7.23
N PHE A 24 -0.82 -0.69 -7.05
CA PHE A 24 0.08 -0.45 -8.19
C PHE A 24 1.12 -1.55 -8.30
N GLU A 25 0.95 -2.61 -7.50
CA GLU A 25 1.89 -3.72 -7.41
C GLU A 25 2.36 -4.29 -8.75
N SER A 26 1.40 -4.57 -9.65
CA SER A 26 1.73 -5.27 -10.88
C SER A 26 2.08 -4.33 -12.03
N PHE A 27 2.19 -3.04 -11.75
CA PHE A 27 2.50 -2.06 -12.79
C PHE A 27 3.92 -2.24 -13.33
N THR A 28 4.08 -2.08 -14.64
CA THR A 28 5.40 -2.06 -15.24
C THR A 28 6.11 -0.77 -14.86
N PRO A 29 7.44 -0.73 -14.98
CA PRO A 29 8.14 0.53 -14.73
C PRO A 29 7.62 1.68 -15.59
N GLU A 30 7.19 1.36 -16.81
CA GLU A 30 6.62 2.36 -17.71
C GLU A 30 5.30 2.89 -17.17
N GLN A 31 4.47 2.00 -16.61
CA GLN A 31 3.20 2.41 -16.03
C GLN A 31 3.40 3.26 -14.78
N LEU A 32 4.35 2.87 -13.95
CA LEU A 32 4.66 3.63 -12.73
C LEU A 32 5.14 5.03 -13.07
N ARG A 33 5.89 5.13 -14.15
CA ARG A 33 6.39 6.42 -14.65
C ARG A 33 5.23 7.32 -15.07
N LEU A 34 4.32 6.77 -15.87
CA LEU A 34 3.10 7.47 -16.26
C LEU A 34 2.35 7.98 -15.04
N LEU A 35 2.24 7.10 -14.04
CA LEU A 35 1.57 7.43 -12.79
C LEU A 35 2.27 8.57 -12.08
N ALA A 36 3.60 8.50 -12.03
CA ALA A 36 4.38 9.53 -11.35
C ALA A 36 4.23 10.88 -12.07
N PHE A 37 4.15 10.84 -13.40
CA PHE A 37 3.94 12.06 -14.18
C PHE A 37 2.51 12.59 -14.05
N GLY A 38 1.54 11.68 -13.98
CA GLY A 38 0.15 12.07 -13.90
C GLY A 38 -0.23 12.57 -12.52
N ALA A 39 0.57 12.18 -11.54
CA ALA A 39 0.34 12.55 -10.15
C ALA A 39 0.47 14.04 -9.93
N GLU A 40 -0.21 14.55 -8.90
CA GLU A 40 -0.06 15.94 -8.48
C GLU A 40 0.71 16.01 -7.17
N ARG A 41 1.72 16.87 -7.12
CA ARG A 41 2.50 17.07 -5.91
C ARG A 41 1.93 18.19 -5.05
N LEU A 42 1.72 17.92 -3.77
CA LEU A 42 1.18 18.93 -2.86
C LEU A 42 2.08 19.11 -1.64
N VAL A 43 2.35 20.36 -1.29
CA VAL A 43 3.08 20.66 -0.07
C VAL A 43 2.10 21.13 1.00
N LEU A 44 2.01 20.37 2.09
CA LEU A 44 1.06 20.66 3.15
C LEU A 44 1.76 21.31 4.33
N ARG A 45 1.33 22.51 4.70
CA ARG A 45 1.86 23.17 5.88
C ARG A 45 1.39 22.44 7.13
N ALA A 46 2.13 22.60 8.22
CA ALA A 46 1.73 22.04 9.50
C ALA A 46 0.34 22.55 9.89
N GLY A 47 -0.52 21.64 10.32
CA GLY A 47 -1.86 22.02 10.73
C GLY A 47 -2.88 21.98 9.60
N ARG A 48 -2.42 21.79 8.36
CA ARG A 48 -3.35 21.71 7.25
C ARG A 48 -4.09 20.37 7.21
N GLU A 49 -5.39 20.45 7.00
CA GLU A 49 -6.17 19.24 6.80
C GLU A 49 -6.31 18.93 5.33
N LEU A 50 -6.10 17.67 5.00
CA LEU A 50 -6.19 17.18 3.63
C LEU A 50 -7.66 17.03 3.24
N PHE A 51 -8.46 16.52 4.17
CA PHE A 51 -9.87 16.24 3.93
C PHE A 51 -10.62 16.06 5.24
N ARG A 52 -11.95 16.11 5.16
CA ARG A 52 -12.77 15.87 6.34
C ARG A 52 -13.27 14.43 6.35
N GLU A 53 -13.32 13.84 7.55
CA GLU A 53 -13.91 12.53 7.74
C GLU A 53 -15.34 12.48 7.17
N GLY A 54 -15.62 11.45 6.37
CA GLY A 54 -16.94 11.29 5.80
C GLY A 54 -17.14 12.02 4.48
N GLN A 55 -16.13 12.79 4.08
CA GLN A 55 -16.19 13.54 2.83
C GLN A 55 -16.05 12.59 1.65
N SER A 56 -16.72 12.91 0.55
CA SER A 56 -16.60 12.09 -0.65
C SER A 56 -15.16 12.08 -1.15
N ALA A 57 -14.70 10.92 -1.60
CA ALA A 57 -13.30 10.74 -1.95
C ALA A 57 -13.11 10.27 -3.39
N ASP A 58 -12.33 11.00 -4.15
CA ASP A 58 -12.10 10.67 -5.56
C ASP A 58 -10.61 10.57 -5.89
N CYS A 59 -9.79 10.51 -4.85
CA CYS A 59 -8.35 10.47 -5.06
C CYS A 59 -7.64 9.89 -3.85
N ALA A 60 -6.42 9.43 -4.07
CA ALA A 60 -5.58 8.90 -3.02
C ALA A 60 -4.35 9.79 -2.83
N TYR A 61 -3.87 9.83 -1.60
CA TYR A 61 -2.67 10.59 -1.27
C TYR A 61 -1.60 9.64 -0.76
N ILE A 62 -0.39 9.77 -1.30
CA ILE A 62 0.73 8.98 -0.80
C ILE A 62 1.74 9.93 -0.20
N ILE A 63 2.14 9.66 1.04
CA ILE A 63 3.10 10.51 1.73
C ILE A 63 4.51 10.25 1.24
N VAL A 64 5.21 11.32 0.87
CA VAL A 64 6.61 11.24 0.48
C VAL A 64 7.49 11.62 1.67
N THR A 65 7.31 12.82 2.18
CA THR A 65 7.99 13.25 3.40
C THR A 65 7.00 13.90 4.35
N GLY A 66 7.25 13.77 5.66
CA GLY A 66 6.41 14.43 6.65
C GLY A 66 5.61 13.48 7.51
N THR A 67 4.71 14.04 8.32
CA THR A 67 3.91 13.24 9.23
C THR A 67 2.47 13.75 9.26
N ILE A 68 1.53 12.82 9.17
CA ILE A 68 0.12 13.13 9.18
C ILE A 68 -0.55 12.34 10.31
N THR A 69 -1.33 13.03 11.15
CA THR A 69 -2.11 12.35 12.17
C THR A 69 -3.49 12.02 11.65
N LEU A 70 -3.86 10.74 11.75
CA LEU A 70 -5.21 10.29 11.42
C LEU A 70 -6.08 10.35 12.66
N PHE A 71 -7.31 10.82 12.52
CA PHE A 71 -8.16 10.98 13.69
C PHE A 71 -9.64 10.76 13.37
N HIS A 72 -10.43 10.54 14.42
CA HIS A 72 -11.88 10.48 14.29
C HIS A 72 -12.50 11.71 14.92
N GLU A 73 -13.55 12.24 14.30
CA GLU A 73 -14.25 13.39 14.85
C GLU A 73 -15.21 12.92 15.95
N GLY A 74 -14.87 13.22 17.20
CA GLY A 74 -15.64 12.76 18.34
C GLY A 74 -16.68 13.75 18.83
N ASP A 75 -17.39 13.39 19.89
CA ASP A 75 -18.45 14.22 20.44
C ASP A 75 -17.93 15.57 20.92
N GLU A 76 -16.71 15.58 21.46
CA GLU A 76 -16.14 16.80 22.01
C GLU A 76 -14.82 17.18 21.35
N GLY A 77 -14.64 16.75 20.09
CA GLY A 77 -13.46 17.13 19.33
C GLY A 77 -12.77 15.95 18.67
N ARG A 78 -11.65 16.23 18.01
CA ARG A 78 -10.84 15.18 17.41
C ARG A 78 -10.38 14.12 18.40
N VAL A 79 -10.35 12.87 17.95
CA VAL A 79 -9.74 11.80 18.73
C VAL A 79 -8.71 11.09 17.85
N THR A 80 -7.45 11.19 18.24
CA THR A 80 -6.34 10.68 17.45
C THR A 80 -6.40 9.16 17.29
N ILE A 81 -6.14 8.69 16.07
CA ILE A 81 -5.99 7.28 15.81
C ILE A 81 -4.52 6.89 15.90
N ARG A 82 -3.74 7.39 14.95
CA ARG A 82 -2.31 7.10 14.87
C ARG A 82 -1.66 8.03 13.84
N PRO A 83 -0.34 8.19 13.91
CA PRO A 83 0.36 8.96 12.86
C PRO A 83 0.76 8.11 11.67
N VAL A 84 0.84 8.71 10.48
CA VAL A 84 1.36 8.01 9.31
C VAL A 84 2.48 8.83 8.67
N GLY A 85 3.42 8.13 8.03
CA GLY A 85 4.58 8.78 7.46
C GLY A 85 4.87 8.30 6.04
N PRO A 86 6.10 8.50 5.56
CA PRO A 86 6.50 8.16 4.20
C PRO A 86 6.03 6.77 3.77
N GLY A 87 5.41 6.69 2.59
CA GLY A 87 4.95 5.43 2.07
C GLY A 87 3.49 5.14 2.33
N ALA A 88 2.92 5.78 3.34
CA ALA A 88 1.51 5.54 3.66
C ALA A 88 0.62 6.08 2.56
N ILE A 89 -0.45 5.35 2.25
CA ILE A 89 -1.41 5.82 1.28
C ILE A 89 -2.76 6.04 1.96
N LEU A 90 -3.39 7.16 1.63
CA LEU A 90 -4.71 7.48 2.16
C LEU A 90 -5.73 7.53 1.03
N GLY A 91 -6.78 6.74 1.14
CA GLY A 91 -7.84 6.74 0.14
C GLY A 91 -7.57 5.86 -1.05
N GLU A 92 -6.79 4.78 -0.85
CA GLU A 92 -6.49 3.86 -1.94
C GLU A 92 -7.76 3.28 -2.55
N ALA A 94 -10.57 4.63 -2.87
CA ALA A 94 -11.30 5.61 -3.67
C ALA A 94 -11.01 5.46 -5.15
N LEU A 95 -9.86 4.85 -5.47
CA LEU A 95 -9.43 4.70 -6.84
C LEU A 95 -10.22 3.62 -7.57
N ILE A 96 -10.84 2.72 -6.81
CA ILE A 96 -11.50 1.56 -7.42
C ILE A 96 -12.94 1.34 -6.96
N ALA A 97 -13.43 2.21 -6.08
CA ALA A 97 -14.78 2.06 -5.56
C ALA A 97 -15.34 3.39 -5.06
N GLN A 98 -16.66 3.46 -4.93
CA GLN A 98 -17.28 4.67 -4.40
C GLN A 98 -17.07 4.68 -2.89
N THR A 99 -16.33 5.67 -2.40
CA THR A 99 -15.96 5.69 -0.98
C THR A 99 -16.04 7.07 -0.37
N THR A 100 -15.94 7.12 0.95
CA THR A 100 -15.83 8.37 1.68
C THR A 100 -14.61 8.26 2.60
N ARG A 101 -14.06 9.40 2.99
CA ARG A 101 -12.88 9.41 3.86
C ARG A 101 -13.18 8.75 5.21
N LEU A 102 -12.47 7.65 5.47
CA LEU A 102 -12.69 6.87 6.68
C LEU A 102 -12.28 7.59 7.96
N THR A 103 -11.30 8.48 7.83
CA THR A 103 -10.82 9.26 8.98
C THR A 103 -10.60 10.70 8.60
N GLY A 104 -10.31 11.53 9.60
CA GLY A 104 -9.77 12.86 9.34
C GLY A 104 -8.28 12.69 9.17
N ALA A 105 -7.62 13.72 8.66
CA ALA A 105 -6.17 13.71 8.48
C ALA A 105 -5.62 15.12 8.51
N VAL A 106 -4.62 15.36 9.35
CA VAL A 106 -3.98 16.66 9.45
C VAL A 106 -2.46 16.51 9.45
N ALA A 107 -1.78 17.39 8.73
CA ALA A 107 -0.33 17.40 8.72
C ALA A 107 0.22 17.90 10.05
N ASP A 108 1.03 17.07 10.70
CA ASP A 108 1.68 17.47 11.96
C ASP A 108 2.82 18.44 11.69
N VAL A 109 3.57 18.15 10.63
CA VAL A 109 4.67 19.02 10.21
C VAL A 109 4.51 19.24 8.71
N GLU A 110 5.37 20.09 8.14
CA GLU A 110 5.34 20.28 6.69
C GLU A 110 5.48 18.93 6.01
N THR A 111 4.51 18.61 5.16
CA THR A 111 4.39 17.27 4.60
C THR A 111 4.16 17.32 3.10
N GLU A 112 4.87 16.48 2.37
CA GLU A 112 4.73 16.42 0.93
C GLU A 112 4.05 15.13 0.52
N VAL A 113 2.97 15.26 -0.25
CA VAL A 113 2.21 14.10 -0.68
C VAL A 113 2.06 14.05 -2.19
N ILE A 114 1.87 12.84 -2.70
CA ILE A 114 1.56 12.62 -4.10
C ILE A 114 0.07 12.34 -4.21
N ARG A 115 -0.65 13.13 -5.00
CA ARG A 115 -2.09 12.92 -5.17
C ARG A 115 -2.40 12.19 -6.46
N ILE A 116 -3.05 11.05 -6.34
CA ILE A 116 -3.45 10.27 -7.50
C ILE A 116 -4.95 10.36 -7.67
N SER A 117 -5.39 11.00 -8.74
CA SER A 117 -6.81 11.05 -9.03
C SER A 117 -7.31 9.72 -9.57
N ARG A 118 -8.58 9.45 -9.36
CA ARG A 118 -9.21 8.28 -9.93
C ARG A 118 -9.06 8.29 -11.45
N SER A 119 -9.25 9.47 -12.06
CA SER A 119 -9.19 9.59 -13.52
C SER A 119 -7.82 9.23 -14.09
N ILE A 120 -6.75 9.64 -13.42
CA ILE A 120 -5.41 9.32 -13.86
C ILE A 120 -5.19 7.82 -13.80
N PHE A 121 -5.54 7.23 -12.67
CA PHE A 121 -5.44 5.79 -12.48
C PHE A 121 -6.18 5.04 -13.58
N ARG A 122 -7.39 5.49 -13.88
CA ARG A 122 -8.20 4.87 -14.91
C ARG A 122 -7.56 4.94 -16.30
N ARG A 123 -7.01 6.09 -16.64
CA ARG A 123 -6.38 6.30 -17.95
C ARG A 123 -5.21 5.34 -18.18
N ILE A 124 -4.48 5.06 -17.11
CA ILE A 124 -3.33 4.16 -17.22
C ILE A 124 -3.77 2.74 -17.54
N LEU A 125 -4.90 2.34 -16.97
CA LEU A 125 -5.41 0.99 -17.19
C LEU A 125 -6.15 0.87 -18.52
N GLU A 126 -6.16 1.95 -19.30
CA GLU A 126 -6.78 1.94 -20.62
C GLU A 126 -5.74 2.16 -21.73
N ASP B 12 8.50 -3.19 16.02
CA ASP B 12 7.83 -1.91 15.86
C ASP B 12 7.78 -1.46 14.40
N ASP B 13 8.82 -1.80 13.64
CA ASP B 13 8.87 -1.40 12.24
C ASP B 13 7.82 -2.13 11.43
N ASP B 14 7.45 -3.33 11.87
CA ASP B 14 6.41 -4.11 11.19
C ASP B 14 5.07 -3.39 11.32
N ILE B 15 4.82 -2.83 12.50
CA ILE B 15 3.62 -2.05 12.75
C ILE B 15 3.56 -0.86 11.81
N ARG B 16 4.69 -0.18 11.66
CA ARG B 16 4.76 0.99 10.79
C ARG B 16 4.45 0.59 9.35
N ILE B 17 5.08 -0.48 8.89
CA ILE B 17 4.88 -0.89 7.51
C ILE B 17 3.43 -1.31 7.26
N LEU B 18 2.85 -2.05 8.21
CA LEU B 18 1.45 -2.46 8.10
C LEU B 18 0.53 -1.24 7.98
N GLY B 19 0.88 -0.18 8.68
CA GLY B 19 0.10 1.05 8.68
C GLY B 19 0.12 1.81 7.36
N THR B 20 1.01 1.42 6.45
CA THR B 20 1.08 2.07 5.14
C THR B 20 0.13 1.44 4.12
N VAL B 21 -0.37 0.25 4.43
CA VAL B 21 -1.22 -0.50 3.51
C VAL B 21 -2.61 0.09 3.38
N GLY B 22 -3.08 0.21 2.14
CA GLY B 22 -4.36 0.82 1.86
C GLY B 22 -5.55 0.28 2.65
N LEU B 23 -5.68 -1.04 2.68
CA LEU B 23 -6.80 -1.67 3.39
C LEU B 23 -6.74 -1.47 4.89
N PHE B 24 -5.55 -1.19 5.41
CA PHE B 24 -5.35 -1.05 6.86
C PHE B 24 -5.31 0.41 7.26
N GLU B 25 -5.67 1.28 6.31
CA GLU B 25 -5.62 2.74 6.48
C GLU B 25 -6.24 3.23 7.79
N SER B 26 -7.43 2.75 8.11
CA SER B 26 -8.19 3.25 9.24
C SER B 26 -8.02 2.39 10.49
N PHE B 27 -7.09 1.45 10.45
CA PHE B 27 -6.88 0.57 11.60
C PHE B 27 -6.34 1.34 12.80
N THR B 28 -6.79 0.93 13.98
CA THR B 28 -6.27 1.45 15.22
C THR B 28 -4.92 0.82 15.49
N PRO B 29 -4.11 1.43 16.39
CA PRO B 29 -2.86 0.78 16.78
C PRO B 29 -3.06 -0.65 17.27
N GLU B 30 -4.18 -0.90 17.93
CA GLU B 30 -4.48 -2.24 18.44
C GLU B 30 -4.71 -3.21 17.31
N GLN B 31 -5.49 -2.79 16.30
CA GLN B 31 -5.74 -3.63 15.15
C GLN B 31 -4.45 -3.96 14.40
N LEU B 32 -3.56 -2.98 14.30
CA LEU B 32 -2.28 -3.19 13.63
C LEU B 32 -1.43 -4.19 14.39
N ARG B 33 -1.50 -4.15 15.72
CA ARG B 33 -0.78 -5.09 16.57
C ARG B 33 -1.29 -6.52 16.35
N LEU B 34 -2.61 -6.69 16.39
CA LEU B 34 -3.24 -7.98 16.12
C LEU B 34 -2.77 -8.53 14.79
N LEU B 35 -2.69 -7.64 13.81
CA LEU B 35 -2.22 -7.99 12.48
C LEU B 35 -0.78 -8.50 12.54
N ALA B 36 0.08 -7.74 13.20
CA ALA B 36 1.49 -8.10 13.31
C ALA B 36 1.68 -9.42 14.04
N PHE B 37 0.80 -9.68 15.02
CA PHE B 37 0.85 -10.91 15.79
C PHE B 37 0.22 -12.08 15.05
N GLY B 38 -0.95 -11.84 14.45
CA GLY B 38 -1.69 -12.88 13.79
C GLY B 38 -1.11 -13.32 12.47
N ALA B 39 -0.51 -12.39 11.74
CA ALA B 39 0.10 -12.70 10.45
C ALA B 39 1.35 -13.55 10.64
N GLU B 40 1.83 -14.13 9.55
CA GLU B 40 2.94 -15.07 9.60
C GLU B 40 4.24 -14.43 9.13
N ARG B 41 5.25 -14.46 9.99
CA ARG B 41 6.59 -14.00 9.60
C ARG B 41 7.27 -15.11 8.81
N LEU B 42 7.74 -14.78 7.61
CA LEU B 42 8.40 -15.78 6.76
C LEU B 42 9.76 -15.31 6.29
N VAL B 43 10.73 -16.21 6.36
CA VAL B 43 12.03 -15.98 5.74
C VAL B 43 12.12 -16.81 4.47
N LEU B 44 11.99 -16.14 3.33
CA LEU B 44 12.06 -16.81 2.04
C LEU B 44 13.51 -16.97 1.62
N ARG B 45 13.91 -18.19 1.27
CA ARG B 45 15.28 -18.41 0.83
C ARG B 45 15.45 -18.06 -0.64
N ALA B 46 16.69 -17.78 -1.03
CA ALA B 46 17.01 -17.41 -2.40
C ALA B 46 16.50 -18.46 -3.38
N GLY B 47 15.75 -18.01 -4.38
CA GLY B 47 15.24 -18.90 -5.39
C GLY B 47 13.80 -19.34 -5.18
N ARG B 48 13.25 -19.07 -4.00
CA ARG B 48 11.89 -19.50 -3.71
C ARG B 48 10.85 -18.71 -4.50
N GLU B 49 10.03 -19.44 -5.25
CA GLU B 49 8.93 -18.83 -5.97
C GLU B 49 7.74 -18.66 -5.03
N LEU B 50 7.34 -17.41 -4.82
CA LEU B 50 6.20 -17.11 -3.97
C LEU B 50 4.90 -17.57 -4.61
N PHE B 51 4.67 -17.15 -5.84
CA PHE B 51 3.48 -17.53 -6.57
C PHE B 51 3.69 -17.39 -8.07
N ARG B 52 2.71 -17.83 -8.84
CA ARG B 52 2.77 -17.72 -10.30
C ARG B 52 1.57 -17.01 -10.86
N GLU B 53 1.74 -16.47 -12.06
CA GLU B 53 0.69 -15.77 -12.77
C GLU B 53 -0.53 -16.67 -12.97
N GLY B 54 -1.70 -16.15 -12.65
CA GLY B 54 -2.94 -16.88 -12.87
C GLY B 54 -3.36 -17.76 -11.71
N GLN B 55 -2.46 -17.94 -10.75
CA GLN B 55 -2.75 -18.71 -9.55
C GLN B 55 -3.75 -17.98 -8.66
N SER B 56 -4.62 -18.74 -7.99
CA SER B 56 -5.60 -18.14 -7.08
C SER B 56 -4.91 -17.65 -5.81
N ALA B 57 -5.38 -16.52 -5.29
CA ALA B 57 -4.72 -15.87 -4.16
C ALA B 57 -5.64 -15.72 -2.95
N ASP B 58 -5.14 -16.08 -1.78
CA ASP B 58 -5.90 -15.93 -0.55
C ASP B 58 -5.08 -15.19 0.50
N CYS B 59 -3.92 -14.68 0.10
CA CYS B 59 -3.08 -13.95 1.04
C CYS B 59 -2.29 -12.86 0.37
N ALA B 60 -1.90 -11.87 1.18
CA ALA B 60 -1.01 -10.80 0.75
C ALA B 60 0.35 -10.96 1.42
N TYR B 61 1.39 -10.43 0.79
CA TYR B 61 2.72 -10.44 1.37
C TYR B 61 3.24 -9.03 1.52
N ILE B 62 3.94 -8.77 2.61
CA ILE B 62 4.58 -7.48 2.80
C ILE B 62 6.08 -7.68 3.02
N ILE B 63 6.90 -7.03 2.21
CA ILE B 63 8.34 -7.21 2.31
C ILE B 63 8.92 -6.39 3.46
N VAL B 64 9.64 -7.06 4.33
CA VAL B 64 10.35 -6.40 5.43
C VAL B 64 11.78 -6.11 5.01
N THR B 65 12.49 -7.15 4.59
CA THR B 65 13.85 -7.01 4.08
C THR B 65 14.04 -7.95 2.88
N GLY B 66 14.94 -7.58 1.98
CA GLY B 66 15.25 -8.43 0.84
C GLY B 66 14.70 -7.86 -0.46
N THR B 67 14.69 -8.69 -1.50
CA THR B 67 14.21 -8.25 -2.80
C THR B 67 13.50 -9.37 -3.55
N ILE B 68 12.28 -9.08 -4.00
CA ILE B 68 11.51 -10.02 -4.79
C ILE B 68 11.38 -9.51 -6.22
N THR B 69 11.58 -10.40 -7.19
CA THR B 69 11.42 -10.03 -8.60
C THR B 69 10.07 -10.46 -9.13
N LEU B 70 9.35 -9.50 -9.70
CA LEU B 70 8.06 -9.76 -10.34
C LEU B 70 8.31 -10.03 -11.81
N PHE B 71 7.65 -11.03 -12.36
CA PHE B 71 7.92 -11.42 -13.74
C PHE B 71 6.69 -11.91 -14.47
N HIS B 72 6.76 -11.84 -15.79
CA HIS B 72 5.83 -12.55 -16.64
C HIS B 72 6.56 -13.71 -17.29
N GLU B 73 5.77 -14.70 -17.70
CA GLU B 73 6.32 -15.89 -18.31
C GLU B 73 6.11 -15.79 -19.81
N GLY B 74 6.79 -16.65 -20.56
CA GLY B 74 6.67 -16.58 -22.00
C GLY B 74 7.20 -17.81 -22.71
N ASP B 75 6.74 -18.00 -23.94
CA ASP B 75 7.12 -19.14 -24.75
C ASP B 75 8.63 -19.20 -24.99
N GLU B 76 9.28 -18.03 -24.99
CA GLU B 76 10.71 -17.95 -25.26
C GLU B 76 11.50 -17.59 -24.01
N GLY B 77 10.87 -17.73 -22.85
CA GLY B 77 11.53 -17.43 -21.58
C GLY B 77 10.72 -16.56 -20.65
N ARG B 78 11.21 -16.43 -19.42
CA ARG B 78 10.58 -15.63 -18.38
C ARG B 78 10.97 -14.16 -18.54
N VAL B 79 9.97 -13.27 -18.49
CA VAL B 79 10.23 -11.84 -18.68
C VAL B 79 10.10 -11.07 -17.36
N THR B 80 11.18 -10.40 -16.98
CA THR B 80 11.21 -9.64 -15.73
C THR B 80 10.46 -8.32 -15.84
N ILE B 81 9.55 -8.08 -14.92
CA ILE B 81 8.86 -6.80 -14.83
C ILE B 81 9.73 -5.79 -14.10
N ARG B 82 9.90 -6.03 -12.80
CA ARG B 82 10.69 -5.15 -11.95
C ARG B 82 10.94 -5.80 -10.59
N PRO B 83 12.01 -5.40 -9.90
CA PRO B 83 12.25 -5.84 -8.52
C PRO B 83 11.53 -4.96 -7.51
N VAL B 84 11.09 -5.54 -6.39
CA VAL B 84 10.48 -4.74 -5.33
C VAL B 84 11.18 -5.01 -4.00
N GLY B 85 11.14 -4.03 -3.11
CA GLY B 85 11.91 -4.10 -1.88
C GLY B 85 11.05 -3.86 -0.65
N PRO B 86 11.71 -3.50 0.46
CA PRO B 86 11.05 -3.24 1.74
C PRO B 86 9.86 -2.30 1.60
N GLY B 87 8.76 -2.64 2.25
CA GLY B 87 7.55 -1.82 2.21
C GLY B 87 6.55 -2.25 1.16
N ALA B 88 6.99 -3.01 0.16
CA ALA B 88 6.11 -3.42 -0.94
C ALA B 88 5.07 -4.43 -0.48
N ILE B 89 3.81 -4.16 -0.84
CA ILE B 89 2.72 -5.08 -0.55
C ILE B 89 2.31 -5.87 -1.81
N LEU B 90 2.42 -7.19 -1.74
CA LEU B 90 2.04 -8.03 -2.88
C LEU B 90 0.70 -8.73 -2.63
N GLY B 91 -0.21 -8.64 -3.60
CA GLY B 91 -1.49 -9.31 -3.51
C GLY B 91 -2.46 -8.73 -2.49
N GLU B 92 -2.49 -7.40 -2.38
CA GLU B 92 -3.35 -6.76 -1.39
C GLU B 92 -4.82 -7.08 -1.56
N ALA B 94 -6.23 -9.61 -2.52
CA ALA B 94 -6.55 -10.98 -2.14
C ALA B 94 -7.14 -11.03 -0.73
N LEU B 95 -7.00 -9.92 -0.01
CA LEU B 95 -7.59 -9.80 1.33
C LEU B 95 -9.07 -9.47 1.25
N ILE B 96 -9.54 -9.08 0.07
CA ILE B 96 -10.93 -8.70 -0.13
C ILE B 96 -11.72 -9.80 -0.82
N ALA B 97 -11.10 -10.46 -1.79
CA ALA B 97 -11.72 -11.57 -2.48
C ALA B 97 -10.66 -12.53 -2.97
N GLN B 98 -11.07 -13.68 -3.48
CA GLN B 98 -10.10 -14.58 -4.09
C GLN B 98 -9.69 -14.05 -5.46
N THR B 99 -8.47 -13.55 -5.56
CA THR B 99 -7.99 -12.94 -6.79
C THR B 99 -7.04 -13.87 -7.55
N THR B 100 -6.74 -13.48 -8.79
CA THR B 100 -5.72 -14.17 -9.58
C THR B 100 -4.41 -13.41 -9.45
N ARG B 101 -3.31 -14.13 -9.26
CA ARG B 101 -1.99 -13.50 -9.27
C ARG B 101 -1.74 -12.89 -10.64
N LEU B 102 -1.52 -11.57 -10.67
CA LEU B 102 -1.32 -10.85 -11.92
C LEU B 102 0.07 -11.09 -12.49
N THR B 103 1.02 -11.41 -11.61
CA THR B 103 2.39 -11.70 -12.04
C THR B 103 2.93 -12.94 -11.33
N GLY B 104 4.15 -13.31 -11.67
CA GLY B 104 4.90 -14.29 -10.90
C GLY B 104 5.80 -13.54 -9.93
N ALA B 105 6.30 -14.23 -8.92
CA ALA B 105 7.17 -13.59 -7.94
C ALA B 105 8.14 -14.59 -7.34
N VAL B 106 9.42 -14.23 -7.37
CA VAL B 106 10.48 -15.08 -6.84
C VAL B 106 11.42 -14.26 -5.96
N ALA B 107 11.85 -14.83 -4.85
CA ALA B 107 12.83 -14.20 -3.98
C ALA B 107 14.24 -14.49 -4.45
N ASP B 108 14.87 -13.51 -5.10
CA ASP B 108 16.22 -13.69 -5.62
C ASP B 108 17.26 -13.74 -4.51
N VAL B 109 16.95 -13.11 -3.39
CA VAL B 109 17.81 -13.16 -2.21
C VAL B 109 16.98 -13.62 -1.02
N GLU B 110 17.63 -13.92 0.09
CA GLU B 110 16.90 -14.27 1.30
C GLU B 110 16.03 -13.08 1.69
N THR B 111 14.73 -13.31 1.74
CA THR B 111 13.77 -12.22 1.89
C THR B 111 12.80 -12.47 3.03
N GLU B 112 12.70 -11.50 3.93
CA GLU B 112 11.78 -11.58 5.05
C GLU B 112 10.47 -10.88 4.72
N VAL B 113 9.38 -11.62 4.77
CA VAL B 113 8.08 -11.06 4.47
C VAL B 113 7.10 -11.30 5.60
N ILE B 114 6.02 -10.53 5.61
CA ILE B 114 4.87 -10.81 6.46
C ILE B 114 3.74 -11.31 5.58
N ARG B 115 3.26 -12.52 5.85
CA ARG B 115 2.14 -13.07 5.09
C ARG B 115 0.84 -12.89 5.86
N ILE B 116 -0.15 -12.31 5.17
CA ILE B 116 -1.43 -12.00 5.77
C ILE B 116 -2.54 -12.71 5.03
N SER B 117 -3.25 -13.61 5.69
CA SER B 117 -4.36 -14.32 5.06
C SER B 117 -5.62 -13.47 5.07
N ARG B 118 -6.51 -13.71 4.12
CA ARG B 118 -7.78 -13.00 4.11
C ARG B 118 -8.54 -13.28 5.41
N SER B 119 -8.43 -14.51 5.88
CA SER B 119 -9.10 -14.94 7.11
C SER B 119 -8.68 -14.08 8.29
N ILE B 120 -7.37 -13.89 8.46
CA ILE B 120 -6.91 -13.11 9.60
C ILE B 120 -7.27 -11.63 9.44
N PHE B 121 -7.27 -11.14 8.21
CA PHE B 121 -7.66 -9.75 7.96
C PHE B 121 -9.10 -9.51 8.42
N ARG B 122 -10.00 -10.40 8.00
CA ARG B 122 -11.41 -10.27 8.33
C ARG B 122 -11.66 -10.39 9.84
N ARG B 123 -10.87 -11.21 10.52
CA ARG B 123 -10.98 -11.31 11.97
C ARG B 123 -10.59 -9.99 12.64
N ILE B 124 -9.61 -9.29 12.09
CA ILE B 124 -9.16 -8.01 12.63
C ILE B 124 -10.29 -6.96 12.56
N LEU B 125 -11.10 -7.04 11.52
CA LEU B 125 -12.19 -6.08 11.30
C LEU B 125 -13.17 -6.05 12.48
N GLU B 126 -13.38 -7.20 13.11
CA GLU B 126 -14.35 -7.29 14.20
C GLU B 126 -13.77 -6.80 15.52
N GLU B 127 -12.58 -6.20 15.45
CA GLU B 127 -11.93 -5.62 16.62
C GLU B 127 -11.83 -4.10 16.49
#